data_6J4R
#
_entry.id   6J4R
#
_cell.length_a   88.966
_cell.length_b   88.966
_cell.length_c   143.445
_cell.angle_alpha   90.000
_cell.angle_beta   90.000
_cell.angle_gamma   90.000
#
_symmetry.space_group_name_H-M   'P 42 21 2'
#
loop_
_entity.id
_entity.type
_entity.pdbx_description
1 polymer 'Protein PHOSPHATE STARVATION RESPONSE 1'
2 polymer "DNA (5'-D(*CP*CP*AP*TP*AP*TP*AP*TP*GP*AP*C)-3')"
3 polymer "DNA (5'-D(*GP*TP*CP*AP*TP*AP*TP*AP*TP*GP*G)-3')"
4 polymer "DNA (5'-D(*GP*GP*TP*AP*TP*AP*TP*AP*CP*TP*G)-3')"
5 polymer "DNA (5'-D(*CP*AP*GP*TP*AP*TP*AP*TP*AP*CP*C)-3')"
6 water water
#
loop_
_entity_poly.entity_id
_entity_poly.type
_entity_poly.pdbx_seq_one_letter_code
_entity_poly.pdbx_strand_id
1 'polypeptide(L)' KARMRWTPELHEAFVEAVNSLGGSERATPKGVLKIMKVEGLTIYHVKSHLQKYRTARY A,B,C,D
2 'polydeoxyribonucleotide' (DC)(DC)(DA)(DT)(DA)(DT)(DA)(DT)(DG)(DA)(DC) F
3 'polydeoxyribonucleotide' (DG)(DT)(DC)(DA)(DT)(DA)(DT)(DA)(DT)(DG)(DG) E
4 'polydeoxyribonucleotide' (DG)(DG)(DT)(DA)(DT)(DA)(DT)(DA)(DC)(DT)(DG) X
5 'polydeoxyribonucleotide' (DC)(DA)(DG)(DT)(DA)(DT)(DA)(DT)(DA)(DC)(DC) Y
#
loop_
_chem_comp.id
_chem_comp.type
_chem_comp.name
_chem_comp.formula
DA DNA linking 2'-DEOXYADENOSINE-5'-MONOPHOSPHATE 'C10 H14 N5 O6 P'
DC DNA linking 2'-DEOXYCYTIDINE-5'-MONOPHOSPHATE 'C9 H14 N3 O7 P'
DG DNA linking 2'-DEOXYGUANOSINE-5'-MONOPHOSPHATE 'C10 H14 N5 O7 P'
DT DNA linking THYMIDINE-5'-MONOPHOSPHATE 'C10 H15 N2 O8 P'
#
# COMPACT_ATOMS: atom_id res chain seq x y z
N LYS A 1 -16.90 2.03 -8.22
CA LYS A 1 -16.40 1.07 -7.20
C LYS A 1 -15.03 0.52 -7.60
N ALA A 2 -13.98 1.14 -7.05
CA ALA A 2 -12.63 0.63 -7.13
C ALA A 2 -11.93 0.88 -5.79
N ARG A 3 -12.22 0.03 -4.78
CA ARG A 3 -11.58 0.08 -3.46
C ARG A 3 -10.06 -0.06 -3.53
N MET A 4 -9.34 0.68 -2.67
CA MET A 4 -7.92 0.82 -2.83
C MET A 4 -7.23 0.04 -1.70
N ARG A 5 -5.94 -0.23 -1.87
CA ARG A 5 -5.28 -1.05 -0.87
C ARG A 5 -4.00 -0.41 -0.38
N TRP A 6 -3.98 -0.09 0.92
CA TRP A 6 -2.85 0.58 1.52
C TRP A 6 -1.73 -0.41 1.85
N THR A 7 -0.97 -0.81 0.82
CA THR A 7 0.25 -1.58 0.95
C THR A 7 1.23 -0.88 1.90
N PRO A 8 2.11 -1.64 2.59
CA PRO A 8 3.05 -1.02 3.53
C PRO A 8 3.92 0.06 2.89
N GLU A 9 4.22 -0.11 1.59
CA GLU A 9 5.07 0.82 0.85
C GLU A 9 4.34 2.13 0.69
N LEU A 10 3.10 2.06 0.19
CA LEU A 10 2.23 3.22 0.09
C LEU A 10 2.12 3.93 1.44
N HIS A 11 1.81 3.15 2.48
CA HIS A 11 1.68 3.74 3.79
C HIS A 11 2.97 4.48 4.18
N GLU A 12 4.12 3.85 3.88
CA GLU A 12 5.41 4.41 4.20
C GLU A 12 5.56 5.77 3.52
N ALA A 13 5.11 5.83 2.27
CA ALA A 13 5.20 7.04 1.48
C ALA A 13 4.30 8.12 2.08
N PHE A 14 3.09 7.68 2.45
CA PHE A 14 2.12 8.53 3.12
C PHE A 14 2.76 9.13 4.38
N VAL A 15 3.38 8.27 5.20
CA VAL A 15 3.96 8.74 6.45
C VAL A 15 4.97 9.85 6.16
N GLU A 16 5.87 9.58 5.19
CA GLU A 16 6.95 10.50 4.90
C GLU A 16 6.38 11.84 4.48
N ALA A 17 5.36 11.79 3.64
CA ALA A 17 4.71 13.01 3.19
C ALA A 17 4.18 13.79 4.39
N VAL A 18 3.58 13.07 5.35
CA VAL A 18 2.93 13.71 6.47
C VAL A 18 3.97 14.34 7.39
N ASN A 19 5.09 13.62 7.61
CA ASN A 19 6.15 14.15 8.44
C ASN A 19 6.71 15.40 7.80
N SER A 20 6.88 15.33 6.48
CA SER A 20 7.43 16.42 5.72
C SER A 20 6.62 17.69 5.96
N LEU A 21 5.31 17.56 6.21
CA LEU A 21 4.50 18.75 6.40
C LEU A 21 4.35 19.08 7.88
N GLY A 22 5.04 18.32 8.75
CA GLY A 22 4.99 18.57 10.18
C GLY A 22 3.92 17.75 10.90
N GLY A 23 4.03 16.42 10.73
CA GLY A 23 3.24 15.44 11.45
C GLY A 23 1.74 15.51 11.14
N SER A 24 0.96 14.70 11.87
CA SER A 24 -0.42 14.40 11.54
C SER A 24 -1.33 15.62 11.75
N GLU A 25 -1.02 16.44 12.76
CA GLU A 25 -1.93 17.54 13.07
C GLU A 25 -1.77 18.64 12.05
N ARG A 26 -0.57 18.80 11.50
CA ARG A 26 -0.36 19.92 10.61
C ARG A 26 -0.76 19.57 9.17
N ALA A 27 -0.41 18.35 8.74
CA ALA A 27 -0.56 17.95 7.34
C ALA A 27 -2.02 18.04 6.88
N THR A 28 -2.25 18.12 5.58
CA THR A 28 -3.60 18.22 5.05
C THR A 28 -3.74 17.30 3.84
N PRO A 29 -4.92 16.69 3.60
CA PRO A 29 -5.07 15.73 2.52
C PRO A 29 -4.48 16.23 1.20
N LYS A 30 -4.89 17.45 0.79
CA LYS A 30 -4.43 18.00 -0.48
C LYS A 30 -2.90 18.06 -0.50
N GLY A 31 -2.33 18.53 0.61
CA GLY A 31 -0.89 18.70 0.72
C GLY A 31 -0.15 17.38 0.60
N VAL A 32 -0.70 16.36 1.26
CA VAL A 32 -0.06 15.07 1.25
C VAL A 32 -0.08 14.52 -0.17
N LEU A 33 -1.26 14.61 -0.80
CA LEU A 33 -1.48 14.06 -2.12
C LEU A 33 -0.49 14.65 -3.10
N LYS A 34 -0.35 15.98 -3.02
CA LYS A 34 0.56 16.77 -3.82
C LYS A 34 1.98 16.20 -3.69
N ILE A 35 2.38 15.84 -2.47
CA ILE A 35 3.76 15.42 -2.24
C ILE A 35 3.95 13.98 -2.70
N MET A 36 2.92 13.15 -2.53
CA MET A 36 3.06 11.73 -2.76
C MET A 36 3.22 11.45 -4.24
N LYS A 37 2.43 12.14 -5.06
CA LYS A 37 2.52 12.05 -6.51
C LYS A 37 2.33 10.60 -6.94
N VAL A 38 1.14 10.04 -6.69
CA VAL A 38 0.93 8.64 -7.03
C VAL A 38 -0.24 8.53 -7.99
N GLU A 39 0.03 7.86 -9.12
CA GLU A 39 -0.92 7.58 -10.18
C GLU A 39 -2.17 6.92 -9.59
N GLY A 40 -3.32 7.53 -9.84
CA GLY A 40 -4.60 6.96 -9.44
C GLY A 40 -5.05 7.35 -8.03
N LEU A 41 -4.17 8.02 -7.29
CA LEU A 41 -4.46 8.30 -5.90
C LEU A 41 -5.29 9.57 -5.80
N THR A 42 -6.53 9.46 -5.30
CA THR A 42 -7.42 10.62 -5.16
C THR A 42 -7.28 11.27 -3.79
N ILE A 43 -7.81 12.48 -3.66
CA ILE A 43 -7.75 13.18 -2.39
C ILE A 43 -8.58 12.43 -1.35
N TYR A 44 -9.66 11.78 -1.81
CA TYR A 44 -10.56 11.08 -0.91
C TYR A 44 -9.89 9.82 -0.34
N HIS A 45 -8.99 9.21 -1.13
CA HIS A 45 -8.18 8.13 -0.61
C HIS A 45 -7.41 8.59 0.61
N VAL A 46 -6.72 9.70 0.46
CA VAL A 46 -5.83 10.22 1.48
C VAL A 46 -6.61 10.80 2.65
N LYS A 47 -7.77 11.37 2.38
CA LYS A 47 -8.54 12.02 3.42
C LYS A 47 -8.93 10.95 4.45
N SER A 48 -9.37 9.80 3.95
CA SER A 48 -9.84 8.73 4.80
C SER A 48 -8.69 8.14 5.60
N HIS A 49 -7.61 7.85 4.88
CA HIS A 49 -6.44 7.24 5.48
C HIS A 49 -5.86 8.12 6.58
N LEU A 50 -5.88 9.44 6.36
CA LEU A 50 -5.32 10.37 7.30
C LEU A 50 -6.15 10.38 8.57
N GLN A 51 -7.49 10.38 8.42
CA GLN A 51 -8.37 10.38 9.56
C GLN A 51 -7.98 9.26 10.51
N LYS A 52 -7.71 8.07 9.94
CA LYS A 52 -7.43 6.87 10.70
C LYS A 52 -6.07 7.02 11.37
N TYR A 53 -5.10 7.46 10.58
CA TYR A 53 -3.76 7.71 11.07
C TYR A 53 -3.80 8.65 12.26
N ARG A 54 -4.68 9.64 12.21
CA ARG A 54 -4.72 10.66 13.24
C ARG A 54 -5.31 10.12 14.54
N THR A 55 -6.10 9.05 14.46
CA THR A 55 -6.73 8.57 15.67
C THR A 55 -6.06 7.29 16.14
N ALA A 56 -5.05 6.82 15.41
CA ALA A 56 -4.23 5.69 15.84
C ALA A 56 -3.60 6.02 17.20
N ARG A 57 -3.87 5.15 18.18
CA ARG A 57 -3.46 5.32 19.56
C ARG A 57 -1.95 5.51 19.55
N TYR A 58 -1.25 4.53 18.95
CA TYR A 58 0.21 4.53 18.81
C TYR A 58 0.57 4.28 17.34
N ALA B 2 6.35 -7.08 -31.07
CA ALA B 2 5.19 -6.16 -30.88
C ALA B 2 4.93 -6.01 -29.37
N ARG B 3 5.75 -5.19 -28.71
CA ARG B 3 5.78 -5.04 -27.25
C ARG B 3 4.50 -4.38 -26.73
N MET B 4 4.28 -4.56 -25.42
CA MET B 4 3.02 -4.27 -24.75
C MET B 4 3.18 -2.97 -23.98
N ARG B 5 2.08 -2.21 -23.82
CA ARG B 5 2.23 -0.95 -23.12
C ARG B 5 1.20 -0.86 -22.00
N TRP B 6 1.70 -0.76 -20.78
CA TRP B 6 0.86 -0.72 -19.59
C TRP B 6 0.28 0.67 -19.39
N THR B 7 -0.76 0.98 -20.18
CA THR B 7 -1.56 2.19 -20.03
C THR B 7 -2.15 2.26 -18.63
N PRO B 8 -2.41 3.47 -18.09
CA PRO B 8 -2.99 3.60 -16.74
C PRO B 8 -4.27 2.79 -16.56
N GLU B 9 -5.08 2.66 -17.63
CA GLU B 9 -6.35 1.95 -17.59
C GLU B 9 -6.07 0.47 -17.39
N LEU B 10 -5.19 -0.08 -18.22
CA LEU B 10 -4.76 -1.46 -18.08
C LEU B 10 -4.21 -1.72 -16.69
N HIS B 11 -3.30 -0.86 -16.24
CA HIS B 11 -2.72 -1.03 -14.93
C HIS B 11 -3.80 -1.04 -13.86
N GLU B 12 -4.78 -0.13 -13.99
CA GLU B 12 -5.87 -0.02 -13.04
C GLU B 12 -6.63 -1.33 -13.00
N ALA B 13 -6.83 -1.94 -14.17
CA ALA B 13 -7.55 -3.19 -14.28
C ALA B 13 -6.75 -4.30 -13.61
N PHE B 14 -5.45 -4.28 -13.90
CA PHE B 14 -4.51 -5.21 -13.28
C PHE B 14 -4.61 -5.10 -11.75
N VAL B 15 -4.55 -3.87 -11.23
CA VAL B 15 -4.60 -3.68 -9.80
C VAL B 15 -5.88 -4.29 -9.24
N GLU B 16 -7.03 -4.00 -9.86
CA GLU B 16 -8.30 -4.47 -9.36
C GLU B 16 -8.31 -5.99 -9.32
N ALA B 17 -7.80 -6.60 -10.38
CA ALA B 17 -7.70 -8.05 -10.43
C ALA B 17 -6.88 -8.57 -9.25
N VAL B 18 -5.79 -7.88 -8.94
CA VAL B 18 -4.86 -8.31 -7.92
C VAL B 18 -5.49 -8.15 -6.54
N ASN B 19 -6.20 -7.05 -6.33
CA ASN B 19 -6.89 -6.84 -5.07
C ASN B 19 -7.95 -7.92 -4.87
N SER B 20 -8.64 -8.24 -5.97
CA SER B 20 -9.65 -9.26 -6.02
C SER B 20 -9.11 -10.55 -5.44
N LEU B 21 -7.84 -10.84 -5.69
CA LEU B 21 -7.27 -12.11 -5.26
C LEU B 21 -6.54 -11.95 -3.93
N GLY B 22 -6.72 -10.79 -3.29
CA GLY B 22 -6.18 -10.53 -1.95
C GLY B 22 -4.77 -9.96 -1.95
N GLY B 23 -4.47 -9.04 -2.88
CA GLY B 23 -3.18 -8.37 -2.94
C GLY B 23 -2.10 -9.11 -3.75
N SER B 24 -0.92 -8.48 -3.84
CA SER B 24 0.10 -8.87 -4.80
C SER B 24 0.79 -10.15 -4.39
N GLU B 25 0.89 -10.38 -3.08
CA GLU B 25 1.60 -11.54 -2.57
C GLU B 25 0.78 -12.79 -2.84
N ARG B 26 -0.55 -12.65 -2.73
CA ARG B 26 -1.37 -13.83 -2.82
C ARG B 26 -1.70 -14.17 -4.26
N ALA B 27 -1.95 -13.15 -5.09
CA ALA B 27 -2.31 -13.32 -6.48
C ALA B 27 -1.34 -14.22 -7.26
N THR B 28 -1.80 -14.77 -8.37
CA THR B 28 -0.91 -15.53 -9.23
C THR B 28 -1.11 -15.07 -10.68
N PRO B 29 -0.04 -15.09 -11.52
CA PRO B 29 -0.16 -14.61 -12.90
C PRO B 29 -1.37 -15.22 -13.59
N LYS B 30 -1.48 -16.56 -13.57
CA LYS B 30 -2.58 -17.22 -14.25
C LYS B 30 -3.92 -16.68 -13.77
N GLY B 31 -4.04 -16.54 -12.45
CA GLY B 31 -5.28 -16.07 -11.83
C GLY B 31 -5.65 -14.67 -12.29
N VAL B 32 -4.64 -13.80 -12.35
CA VAL B 32 -4.90 -12.43 -12.72
C VAL B 32 -5.37 -12.41 -14.17
N LEU B 33 -4.64 -13.14 -15.03
CA LEU B 33 -4.89 -13.17 -16.46
C LEU B 33 -6.34 -13.56 -16.71
N LYS B 34 -6.73 -14.64 -16.03
CA LYS B 34 -8.06 -15.20 -16.09
C LYS B 34 -9.09 -14.12 -15.78
N ILE B 35 -8.83 -13.29 -14.78
CA ILE B 35 -9.82 -12.32 -14.34
C ILE B 35 -9.85 -11.13 -15.29
N MET B 36 -8.69 -10.76 -15.82
CA MET B 36 -8.56 -9.53 -16.59
C MET B 36 -9.33 -9.66 -17.90
N LYS B 37 -9.20 -10.83 -18.54
CA LYS B 37 -9.95 -11.16 -19.75
C LYS B 37 -9.69 -10.10 -20.82
N VAL B 38 -8.46 -10.02 -21.28
CA VAL B 38 -8.11 -9.02 -22.28
C VAL B 38 -7.50 -9.74 -23.47
N GLU B 39 -8.07 -9.44 -24.64
CA GLU B 39 -7.69 -10.05 -25.91
C GLU B 39 -6.21 -9.79 -26.17
N GLY B 40 -5.46 -10.89 -26.39
CA GLY B 40 -4.06 -10.79 -26.75
C GLY B 40 -3.11 -10.71 -25.56
N LEU B 41 -3.66 -10.59 -24.35
CA LEU B 41 -2.85 -10.52 -23.15
C LEU B 41 -2.39 -11.93 -22.76
N THR B 42 -1.07 -12.17 -22.79
CA THR B 42 -0.52 -13.48 -22.48
C THR B 42 -0.16 -13.58 -20.98
N ILE B 43 0.11 -14.81 -20.52
CA ILE B 43 0.49 -14.99 -19.13
C ILE B 43 1.83 -14.31 -18.88
N TYR B 44 2.70 -14.28 -19.89
CA TYR B 44 4.02 -13.72 -19.73
C TYR B 44 3.97 -12.20 -19.58
N HIS B 45 2.98 -11.57 -20.21
CA HIS B 45 2.74 -10.17 -19.99
C HIS B 45 2.51 -9.90 -18.50
N VAL B 46 1.60 -10.69 -17.92
CA VAL B 46 1.16 -10.48 -16.55
C VAL B 46 2.24 -10.94 -15.56
N LYS B 47 2.98 -11.97 -15.93
CA LYS B 47 3.98 -12.51 -15.02
C LYS B 47 5.03 -11.44 -14.73
N SER B 48 5.46 -10.78 -15.79
CA SER B 48 6.49 -9.76 -15.68
C SER B 48 5.97 -8.54 -14.91
N HIS B 49 4.78 -8.09 -15.29
CA HIS B 49 4.18 -6.92 -14.69
C HIS B 49 3.97 -7.12 -13.19
N LEU B 50 3.58 -8.35 -12.82
CA LEU B 50 3.30 -8.62 -11.42
C LEU B 50 4.60 -8.57 -10.61
N GLN B 51 5.68 -9.14 -11.15
CA GLN B 51 6.94 -9.15 -10.45
C GLN B 51 7.31 -7.72 -10.06
N LYS B 52 7.11 -6.77 -10.98
CA LYS B 52 7.49 -5.39 -10.79
C LYS B 52 6.58 -4.78 -9.75
N TYR B 53 5.27 -5.02 -9.90
CA TYR B 53 4.27 -4.56 -8.96
C TYR B 53 4.63 -5.00 -7.54
N ARG B 54 5.15 -6.21 -7.42
CA ARG B 54 5.44 -6.78 -6.12
C ARG B 54 6.63 -6.09 -5.46
N THR B 55 7.51 -5.48 -6.25
CA THR B 55 8.69 -4.86 -5.65
C THR B 55 8.55 -3.34 -5.61
N ALA B 56 7.42 -2.81 -6.09
CA ALA B 56 7.20 -1.37 -6.18
C ALA B 56 7.33 -0.65 -4.85
N ARG B 57 8.14 0.43 -4.82
CA ARG B 57 8.23 1.43 -3.76
C ARG B 57 7.75 2.78 -4.31
N TYR B 58 7.56 3.78 -3.42
CA TYR B 58 7.01 5.10 -3.75
C TYR B 58 7.62 6.17 -2.84
N ALA C 2 25.80 -15.92 -24.48
CA ALA C 2 26.59 -16.12 -23.24
C ALA C 2 26.08 -15.15 -22.17
N ARG C 3 24.97 -15.52 -21.50
CA ARG C 3 24.40 -14.81 -20.36
C ARG C 3 25.35 -14.78 -19.16
N MET C 4 25.14 -13.80 -18.28
CA MET C 4 26.08 -13.47 -17.23
C MET C 4 25.55 -14.00 -15.91
N ARG C 5 26.44 -14.33 -14.97
CA ARG C 5 25.95 -14.91 -13.73
C ARG C 5 26.59 -14.19 -12.55
N TRP C 6 25.74 -13.53 -11.76
CA TRP C 6 26.21 -12.68 -10.67
C TRP C 6 26.60 -13.49 -9.45
N THR C 7 27.78 -14.11 -9.50
CA THR C 7 28.41 -14.80 -8.37
C THR C 7 28.54 -13.86 -7.17
N PRO C 8 28.52 -14.41 -5.94
CA PRO C 8 28.64 -13.57 -4.74
C PRO C 8 29.89 -12.69 -4.74
N GLU C 9 30.98 -13.18 -5.37
CA GLU C 9 32.24 -12.46 -5.44
C GLU C 9 32.05 -11.20 -6.29
N LEU C 10 31.52 -11.42 -7.50
CA LEU C 10 31.20 -10.33 -8.41
C LEU C 10 30.30 -9.32 -7.71
N HIS C 11 29.22 -9.82 -7.10
CA HIS C 11 28.28 -8.95 -6.42
C HIS C 11 28.98 -8.12 -5.35
N GLU C 12 29.88 -8.77 -4.60
CA GLU C 12 30.63 -8.14 -3.52
C GLU C 12 31.41 -6.97 -4.09
N ALA C 13 32.01 -7.21 -5.27
CA ALA C 13 32.84 -6.19 -5.90
C ALA C 13 31.94 -5.03 -6.35
N PHE C 14 30.80 -5.39 -6.94
CA PHE C 14 29.79 -4.44 -7.35
C PHE C 14 29.39 -3.55 -6.16
N VAL C 15 29.09 -4.19 -5.03
CA VAL C 15 28.66 -3.45 -3.86
C VAL C 15 29.72 -2.42 -3.46
N GLU C 16 30.97 -2.88 -3.39
CA GLU C 16 32.06 -2.04 -2.92
C GLU C 16 32.18 -0.83 -3.85
N ALA C 17 32.10 -1.09 -5.15
CA ALA C 17 32.14 -0.03 -6.13
C ALA C 17 31.05 1.01 -5.84
N VAL C 18 29.86 0.53 -5.53
CA VAL C 18 28.71 1.41 -5.37
C VAL C 18 28.87 2.25 -4.10
N ASN C 19 29.34 1.61 -3.03
CA ASN C 19 29.56 2.33 -1.78
C ASN C 19 30.64 3.38 -1.99
N SER C 20 31.66 3.02 -2.74
CA SER C 20 32.76 3.91 -3.04
C SER C 20 32.24 5.19 -3.68
N LEU C 21 31.14 5.10 -4.45
CA LEU C 21 30.61 6.29 -5.10
C LEU C 21 29.56 6.99 -4.25
N GLY C 22 29.33 6.47 -3.04
CA GLY C 22 28.46 7.14 -2.09
C GLY C 22 27.05 6.56 -2.16
N GLY C 23 26.96 5.23 -2.34
CA GLY C 23 25.70 4.53 -2.35
C GLY C 23 25.03 4.51 -3.72
N SER C 24 23.86 3.87 -3.73
CA SER C 24 23.16 3.55 -4.96
C SER C 24 22.51 4.80 -5.56
N GLU C 25 22.24 5.82 -4.75
CA GLU C 25 21.65 7.06 -5.21
C GLU C 25 22.62 7.81 -6.10
N ARG C 26 23.90 7.77 -5.74
CA ARG C 26 24.85 8.57 -6.49
C ARG C 26 25.36 7.79 -7.69
N ALA C 27 25.69 6.52 -7.50
CA ALA C 27 26.44 5.72 -8.46
C ALA C 27 25.74 5.67 -9.82
N THR C 28 26.50 5.35 -10.87
CA THR C 28 25.95 5.21 -12.20
C THR C 28 26.60 4.00 -12.88
N PRO C 29 25.90 3.33 -13.81
CA PRO C 29 26.45 2.15 -14.48
C PRO C 29 27.90 2.37 -14.93
N LYS C 30 28.13 3.43 -15.71
CA LYS C 30 29.46 3.67 -16.25
C LYS C 30 30.49 3.77 -15.13
N GLY C 31 30.14 4.51 -14.07
CA GLY C 31 31.03 4.72 -12.93
C GLY C 31 31.40 3.42 -12.24
N VAL C 32 30.40 2.57 -12.06
CA VAL C 32 30.62 1.31 -11.38
C VAL C 32 31.57 0.46 -12.21
N LEU C 33 31.24 0.38 -13.51
CA LEU C 33 31.95 -0.48 -14.45
C LEU C 33 33.42 -0.11 -14.45
N LYS C 34 33.66 1.20 -14.52
CA LYS C 34 34.98 1.82 -14.50
C LYS C 34 35.76 1.32 -13.30
N ILE C 35 35.11 1.25 -12.13
CA ILE C 35 35.82 0.91 -10.91
C ILE C 35 36.07 -0.59 -10.83
N MET C 36 35.11 -1.37 -11.33
CA MET C 36 35.16 -2.81 -11.14
C MET C 36 36.28 -3.41 -11.97
N LYS C 37 36.42 -2.94 -13.21
CA LYS C 37 37.49 -3.34 -14.11
C LYS C 37 37.47 -4.85 -14.29
N VAL C 38 36.40 -5.37 -14.90
CA VAL C 38 36.32 -6.81 -15.09
C VAL C 38 36.20 -7.10 -16.58
N GLU C 39 37.10 -7.95 -17.08
CA GLU C 39 37.16 -8.32 -18.48
C GLU C 39 35.85 -8.97 -18.89
N GLY C 40 35.24 -8.44 -19.95
CA GLY C 40 34.02 -9.01 -20.49
C GLY C 40 32.76 -8.39 -19.89
N LEU C 41 32.91 -7.60 -18.82
CA LEU C 41 31.76 -6.98 -18.18
C LEU C 41 31.33 -5.74 -18.94
N THR C 42 30.12 -5.77 -19.52
CA THR C 42 29.60 -4.65 -20.30
C THR C 42 28.81 -3.70 -19.42
N ILE C 43 28.55 -2.50 -19.95
CA ILE C 43 27.78 -1.52 -19.23
C ILE C 43 26.36 -2.03 -19.04
N TYR C 44 25.86 -2.80 -20.01
CA TYR C 44 24.50 -3.30 -19.97
C TYR C 44 24.33 -4.34 -18.88
N HIS C 45 25.39 -5.11 -18.61
CA HIS C 45 25.40 -6.02 -17.48
C HIS C 45 25.09 -5.24 -16.21
N VAL C 46 25.86 -4.18 -15.99
CA VAL C 46 25.80 -3.42 -14.77
C VAL C 46 24.54 -2.56 -14.70
N LYS C 47 24.04 -2.11 -15.85
CA LYS C 47 22.87 -1.25 -15.86
C LYS C 47 21.69 -2.03 -15.28
N SER C 48 21.55 -3.27 -15.74
CA SER C 48 20.46 -4.12 -15.33
C SER C 48 20.58 -4.48 -13.85
N HIS C 49 21.78 -4.91 -13.47
CA HIS C 49 22.05 -5.35 -12.11
C HIS C 49 21.78 -4.21 -11.13
N LEU C 50 22.13 -2.98 -11.52
CA LEU C 50 21.95 -1.85 -10.63
C LEU C 50 20.46 -1.55 -10.44
N GLN C 51 19.69 -1.63 -11.52
CA GLN C 51 18.25 -1.38 -11.41
C GLN C 51 17.63 -2.29 -10.34
N LYS C 52 18.07 -3.55 -10.33
CA LYS C 52 17.56 -4.56 -9.41
C LYS C 52 18.02 -4.22 -8.01
N TYR C 53 19.31 -3.91 -7.87
CA TYR C 53 19.88 -3.49 -6.61
C TYR C 53 19.09 -2.33 -6.02
N ARG C 54 18.62 -1.44 -6.89
CA ARG C 54 17.94 -0.23 -6.45
C ARG C 54 16.56 -0.57 -5.90
N THR C 55 15.98 -1.69 -6.32
CA THR C 55 14.65 -2.01 -5.83
C THR C 55 14.70 -3.10 -4.76
N ALA C 56 15.73 -3.95 -4.80
CA ALA C 56 16.14 -4.82 -3.70
C ALA C 56 17.19 -5.85 -4.16
N LYS D 1 -30.39 4.82 1.30
CA LYS D 1 -29.90 5.97 2.11
C LYS D 1 -30.93 6.32 3.18
N ALA D 2 -30.75 5.78 4.39
CA ALA D 2 -31.47 6.23 5.57
C ALA D 2 -30.55 6.23 6.79
N ARG D 3 -29.62 7.20 6.85
CA ARG D 3 -28.51 7.24 7.80
C ARG D 3 -29.01 7.53 9.23
N MET D 4 -28.18 7.15 10.20
CA MET D 4 -28.53 7.09 11.60
C MET D 4 -27.84 8.25 12.30
N ARG D 5 -28.39 8.75 13.41
CA ARG D 5 -27.72 9.87 14.06
C ARG D 5 -27.59 9.56 15.55
N TRP D 6 -26.35 9.57 16.04
CA TRP D 6 -26.06 9.22 17.42
C TRP D 6 -26.35 10.37 18.37
N THR D 7 -27.64 10.59 18.65
CA THR D 7 -28.12 11.54 19.64
C THR D 7 -27.49 11.28 21.00
N PRO D 8 -27.32 12.30 21.85
CA PRO D 8 -26.70 12.12 23.16
C PRO D 8 -27.36 11.04 24.01
N GLU D 9 -28.69 10.88 23.85
CA GLU D 9 -29.47 9.91 24.61
C GLU D 9 -29.05 8.52 24.18
N LEU D 10 -29.09 8.28 22.87
CA LEU D 10 -28.64 7.03 22.28
C LEU D 10 -27.22 6.70 22.73
N HIS D 11 -26.32 7.67 22.58
CA HIS D 11 -24.94 7.46 22.96
C HIS D 11 -24.84 7.06 24.43
N GLU D 12 -25.63 7.75 25.28
CA GLU D 12 -25.62 7.51 26.72
C GLU D 12 -26.02 6.07 26.97
N ALA D 13 -27.02 5.60 26.23
CA ALA D 13 -27.54 4.26 26.39
C ALA D 13 -26.48 3.26 25.95
N PHE D 14 -25.84 3.57 24.82
CA PHE D 14 -24.74 2.78 24.30
C PHE D 14 -23.66 2.66 25.37
N VAL D 15 -23.26 3.78 25.96
CA VAL D 15 -22.21 3.77 26.96
C VAL D 15 -22.59 2.83 28.10
N GLU D 16 -23.82 2.95 28.62
CA GLU D 16 -24.25 2.19 29.77
C GLU D 16 -24.16 0.71 29.44
N ALA D 17 -24.62 0.36 28.24
CA ALA D 17 -24.58 -1.01 27.78
C ALA D 17 -23.14 -1.51 27.79
N VAL D 18 -22.22 -0.68 27.33
CA VAL D 18 -20.84 -1.07 27.17
C VAL D 18 -20.19 -1.24 28.53
N ASN D 19 -20.51 -0.33 29.47
CA ASN D 19 -19.97 -0.45 30.81
C ASN D 19 -20.47 -1.74 31.46
N SER D 20 -21.76 -1.98 31.23
CA SER D 20 -22.37 -3.14 31.84
C SER D 20 -21.70 -4.42 31.34
N LEU D 21 -21.11 -4.39 30.13
CA LEU D 21 -20.46 -5.56 29.57
C LEU D 21 -18.96 -5.53 29.87
N GLY D 22 -18.52 -4.58 30.69
CA GLY D 22 -17.15 -4.53 31.15
C GLY D 22 -16.23 -3.69 30.27
N GLY D 23 -16.72 -2.55 29.76
CA GLY D 23 -15.90 -1.63 28.97
C GLY D 23 -15.79 -1.95 27.47
N SER D 24 -15.10 -1.08 26.73
CA SER D 24 -15.17 -1.08 25.28
C SER D 24 -14.43 -2.24 24.65
N GLU D 25 -13.36 -2.70 25.31
CA GLU D 25 -12.56 -3.76 24.71
C GLU D 25 -13.28 -5.09 24.90
N ARG D 26 -14.03 -5.22 25.99
CA ARG D 26 -14.65 -6.49 26.27
C ARG D 26 -15.97 -6.65 25.53
N ALA D 27 -16.76 -5.57 25.45
CA ALA D 27 -18.10 -5.59 24.91
C ALA D 27 -18.07 -6.11 23.48
N THR D 28 -19.23 -6.57 22.99
CA THR D 28 -19.32 -7.00 21.60
C THR D 28 -20.56 -6.38 20.98
N PRO D 29 -20.53 -6.08 19.66
CA PRO D 29 -21.68 -5.43 19.02
C PRO D 29 -22.98 -6.13 19.36
N LYS D 30 -23.03 -7.44 19.14
CA LYS D 30 -24.23 -8.22 19.41
C LYS D 30 -24.72 -8.02 20.84
N GLY D 31 -23.79 -8.08 21.79
CA GLY D 31 -24.12 -7.95 23.19
C GLY D 31 -24.69 -6.57 23.52
N VAL D 32 -24.10 -5.54 22.93
CA VAL D 32 -24.55 -4.21 23.21
C VAL D 32 -25.97 -4.05 22.68
N LEU D 33 -26.16 -4.50 21.44
CA LEU D 33 -27.41 -4.36 20.73
C LEU D 33 -28.54 -4.98 21.55
N LYS D 34 -28.25 -6.19 22.02
CA LYS D 34 -29.14 -6.99 22.84
C LYS D 34 -29.57 -6.17 24.06
N ILE D 35 -28.64 -5.45 24.68
CA ILE D 35 -28.94 -4.76 25.92
C ILE D 35 -29.70 -3.47 25.64
N MET D 36 -29.38 -2.82 24.53
CA MET D 36 -29.93 -1.50 24.26
C MET D 36 -31.42 -1.60 23.96
N LYS D 37 -31.79 -2.60 23.17
CA LYS D 37 -33.18 -2.89 22.86
C LYS D 37 -33.83 -1.68 22.22
N VAL D 38 -33.34 -1.29 21.04
CA VAL D 38 -33.88 -0.10 20.39
C VAL D 38 -34.40 -0.51 19.01
N GLU D 39 -35.67 -0.18 18.78
CA GLU D 39 -36.38 -0.52 17.55
C GLU D 39 -35.67 0.13 16.37
N GLY D 40 -35.30 -0.70 15.38
CA GLY D 40 -34.69 -0.18 14.17
C GLY D 40 -33.16 -0.12 14.24
N LEU D 41 -32.60 -0.34 15.42
CA LEU D 41 -31.15 -0.31 15.58
C LEU D 41 -30.56 -1.63 15.13
N THR D 42 -29.73 -1.61 14.08
CA THR D 42 -29.11 -2.83 13.55
C THR D 42 -27.75 -3.09 14.20
N ILE D 43 -27.24 -4.30 14.01
CA ILE D 43 -25.94 -4.65 14.55
C ILE D 43 -24.86 -3.80 13.89
N TYR D 44 -25.07 -3.45 12.62
CA TYR D 44 -24.08 -2.69 11.87
C TYR D 44 -24.00 -1.26 12.38
N HIS D 45 -25.12 -0.74 12.89
CA HIS D 45 -25.10 0.56 13.53
C HIS D 45 -24.12 0.54 14.69
N VAL D 46 -24.28 -0.47 15.53
CA VAL D 46 -23.52 -0.57 16.77
C VAL D 46 -22.07 -0.99 16.49
N LYS D 47 -21.86 -1.79 15.45
CA LYS D 47 -20.53 -2.27 15.14
C LYS D 47 -19.62 -1.10 14.81
N SER D 48 -20.15 -0.18 14.01
CA SER D 48 -19.39 0.95 13.55
C SER D 48 -19.14 1.91 14.70
N HIS D 49 -20.20 2.19 15.46
CA HIS D 49 -20.12 3.12 16.56
C HIS D 49 -19.11 2.64 17.60
N LEU D 50 -19.09 1.32 17.83
CA LEU D 50 -18.21 0.77 18.83
C LEU D 50 -16.76 0.91 18.40
N GLN D 51 -16.48 0.65 17.11
CA GLN D 51 -15.13 0.76 16.60
C GLN D 51 -14.56 2.12 16.95
N LYS D 52 -15.38 3.15 16.76
CA LYS D 52 -14.94 4.53 16.92
C LYS D 52 -14.72 4.80 18.40
N TYR D 53 -15.72 4.37 19.19
CA TYR D 53 -15.67 4.48 20.64
C TYR D 53 -14.37 3.89 21.17
N ARG D 54 -13.96 2.77 20.58
CA ARG D 54 -12.82 2.04 21.09
C ARG D 54 -11.52 2.79 20.80
N THR D 55 -11.51 3.63 19.78
CA THR D 55 -10.25 4.27 19.42
C THR D 55 -10.25 5.70 19.89
N ALA D 56 -11.35 6.19 20.49
CA ALA D 56 -11.39 7.49 21.11
C ALA D 56 -10.34 7.59 22.23
N ARG D 57 -9.48 8.62 22.18
CA ARG D 57 -8.31 8.78 23.03
C ARG D 57 -8.71 9.26 24.44
#